data_7DYX
#
_entry.id   7DYX
#
_cell.length_a   48.920
_cell.length_b   64.750
_cell.length_c   78.649
_cell.angle_alpha   90.000
_cell.angle_beta   90.000
_cell.angle_gamma   90.000
#
_symmetry.space_group_name_H-M   'P 21 21 21'
#
loop_
_entity.id
_entity.type
_entity.pdbx_description
1 polymer 'Bifunctional peptidase and arginyl-hydroxylase JMJD5'
2 non-polymer 'MANGANESE (II) ION'
3 non-polymer '5-((2-cyclopropylbenzyl)amino)pyridine-2,4-dicarboxylic acid'
4 water water
#
_entity_poly.entity_id   1
_entity_poly.type   'polypeptide(L)'
_entity_poly.pdbx_seq_one_letter_code
;STVPRLHRPSLQHFREQFLVPGRPVILKGVADHWPCMQKWSLEYIQEIAGCRTVPVEVGSRYTDEEWSQTLMTVNEFISK
YIVNEPRDVGYLAQHQLFDQIPELKQDISIPDYCSLGDGEEEEITINAWFGPQGTISPLHQDPQQNFLVQVMGRKYIRLY
SPQESGALYPHDTHLLHNTSQVDVENPDLEKFPKFAKAPFLSCILSPGEILFIPVKYWHYVRALDLSFSVSFWWS
;
_entity_poly.pdbx_strand_id   A
#
loop_
_chem_comp.id
_chem_comp.type
_chem_comp.name
_chem_comp.formula
HRR non-polymer '5-((2-cyclopropylbenzyl)amino)pyridine-2,4-dicarboxylic acid' 'C17 H16 N2 O4'
MN non-polymer 'MANGANESE (II) ION' 'Mn 2'
#
# COMPACT_ATOMS: atom_id res chain seq x y z
N SER A 1 -19.45 0.01 -4.30
CA SER A 1 -19.06 -0.12 -5.71
C SER A 1 -17.54 -0.14 -5.85
N THR A 2 -17.07 -0.31 -7.07
CA THR A 2 -15.66 -0.57 -7.36
C THR A 2 -14.94 0.70 -7.81
N VAL A 3 -13.62 0.68 -7.67
CA VAL A 3 -12.79 1.79 -8.13
C VAL A 3 -12.70 1.75 -9.65
N PRO A 4 -12.89 2.87 -10.34
CA PRO A 4 -12.82 2.83 -11.81
C PRO A 4 -11.38 2.62 -12.29
N ARG A 5 -11.26 1.94 -13.43
CA ARG A 5 -9.98 1.67 -14.06
C ARG A 5 -9.89 2.47 -15.35
N LEU A 6 -8.85 3.30 -15.47
CA LEU A 6 -8.60 4.08 -16.67
C LEU A 6 -7.21 3.74 -17.21
N HIS A 7 -7.10 3.65 -18.53
CA HIS A 7 -5.87 3.23 -19.19
C HIS A 7 -5.15 4.46 -19.73
N ARG A 8 -3.98 4.74 -19.16
CA ARG A 8 -3.12 5.84 -19.60
C ARG A 8 -3.91 7.14 -19.77
N PRO A 9 -4.64 7.57 -18.75
CA PRO A 9 -5.35 8.86 -18.85
C PRO A 9 -4.37 10.02 -18.89
N SER A 10 -4.78 11.09 -19.58
CA SER A 10 -3.93 12.27 -19.68
C SER A 10 -3.71 12.90 -18.31
N LEU A 11 -2.66 13.72 -18.23
CA LEU A 11 -2.39 14.45 -17.00
C LEU A 11 -3.57 15.34 -16.63
N GLN A 12 -4.09 16.09 -17.62
CA GLN A 12 -5.24 16.94 -17.37
C GLN A 12 -6.45 16.13 -16.92
N HIS A 13 -6.70 14.99 -17.57
CA HIS A 13 -7.85 14.18 -17.19
C HIS A 13 -7.70 13.66 -15.77
N PHE A 14 -6.51 13.21 -15.40
CA PHE A 14 -6.27 12.77 -14.04
C PHE A 14 -6.33 13.94 -13.08
N ARG A 15 -5.75 15.09 -13.45
CA ARG A 15 -5.76 16.25 -12.58
C ARG A 15 -7.20 16.69 -12.29
N GLU A 16 -8.01 16.83 -13.34
CA GLU A 16 -9.32 17.44 -13.18
C GLU A 16 -10.33 16.49 -12.57
N GLN A 17 -10.34 15.22 -13.02
CA GLN A 17 -11.40 14.31 -12.61
C GLN A 17 -11.04 13.49 -11.37
N PHE A 18 -9.80 13.50 -10.91
CA PHE A 18 -9.43 12.68 -9.76
C PHE A 18 -8.52 13.39 -8.75
N LEU A 19 -7.39 13.94 -9.19
CA LEU A 19 -6.45 14.55 -8.25
C LEU A 19 -7.09 15.74 -7.53
N VAL A 20 -7.51 16.75 -8.26
CA VAL A 20 -8.16 17.89 -7.64
C VAL A 20 -9.36 17.48 -6.78
N PRO A 21 -10.37 16.78 -7.30
CA PRO A 21 -11.50 16.39 -6.44
C PRO A 21 -11.11 15.42 -5.33
N GLY A 22 -10.12 14.57 -5.56
CA GLY A 22 -9.72 13.59 -4.56
C GLY A 22 -10.50 12.29 -4.69
N ARG A 23 -10.65 11.82 -5.92
CA ARG A 23 -11.39 10.59 -6.20
C ARG A 23 -10.42 9.47 -6.52
N PRO A 24 -10.53 8.32 -5.86
CA PRO A 24 -9.60 7.22 -6.18
C PRO A 24 -9.84 6.69 -7.57
N VAL A 25 -8.77 6.13 -8.15
CA VAL A 25 -8.84 5.52 -9.47
C VAL A 25 -7.69 4.53 -9.59
N ILE A 26 -7.86 3.53 -10.45
CA ILE A 26 -6.81 2.58 -10.79
C ILE A 26 -6.33 2.92 -12.20
N LEU A 27 -5.03 3.13 -12.33
CA LEU A 27 -4.42 3.52 -13.60
C LEU A 27 -3.82 2.30 -14.28
N LYS A 28 -4.29 2.00 -15.49
CA LYS A 28 -3.78 0.90 -16.28
C LYS A 28 -2.82 1.42 -17.34
N GLY A 29 -2.07 0.49 -17.95
CA GLY A 29 -1.19 0.85 -19.04
C GLY A 29 -0.08 1.80 -18.67
N VAL A 30 0.19 1.98 -17.38
CA VAL A 30 1.21 2.93 -16.94
C VAL A 30 2.43 2.18 -16.47
N ALA A 31 2.29 1.41 -15.40
CA ALA A 31 3.40 0.68 -14.79
C ALA A 31 3.44 -0.79 -15.22
N ASP A 32 2.57 -1.21 -16.12
CA ASP A 32 2.57 -2.61 -16.54
C ASP A 32 3.83 -2.98 -17.32
N HIS A 33 4.53 -2.00 -17.88
CA HIS A 33 5.77 -2.26 -18.61
C HIS A 33 6.99 -1.73 -17.86
N TRP A 34 6.87 -1.46 -16.58
CA TRP A 34 8.03 -1.17 -15.76
C TRP A 34 8.87 -2.44 -15.61
N PRO A 35 10.20 -2.34 -15.57
CA PRO A 35 11.01 -3.57 -15.50
C PRO A 35 10.68 -4.45 -14.30
N CYS A 36 10.24 -3.87 -13.19
CA CYS A 36 9.92 -4.66 -12.02
C CYS A 36 8.85 -5.71 -12.32
N MET A 37 8.01 -5.47 -13.32
CA MET A 37 6.88 -6.35 -13.56
C MET A 37 7.29 -7.71 -14.13
N GLN A 38 8.46 -7.80 -14.77
CA GLN A 38 8.96 -9.06 -15.28
C GLN A 38 10.15 -9.60 -14.51
N LYS A 39 10.92 -8.73 -13.85
CA LYS A 39 12.17 -9.15 -13.22
C LYS A 39 11.97 -9.62 -11.78
N TRP A 40 11.10 -8.93 -11.02
CA TRP A 40 11.05 -9.17 -9.58
C TRP A 40 10.38 -10.50 -9.23
N SER A 41 11.19 -11.54 -9.11
CA SER A 41 10.82 -12.79 -8.46
C SER A 41 11.52 -12.87 -7.12
N LEU A 42 11.13 -13.85 -6.30
CA LEU A 42 11.87 -14.10 -5.08
C LEU A 42 13.35 -14.34 -5.39
N GLU A 43 13.63 -15.12 -6.43
CA GLU A 43 15.01 -15.42 -6.81
C GLU A 43 15.77 -14.13 -7.17
N TYR A 44 15.09 -13.18 -7.81
CA TYR A 44 15.76 -11.93 -8.16
C TYR A 44 15.93 -11.03 -6.95
N ILE A 45 14.92 -10.99 -6.08
CA ILE A 45 15.01 -10.13 -4.90
C ILE A 45 16.12 -10.60 -3.98
N GLN A 46 16.31 -11.91 -3.85
CA GLN A 46 17.40 -12.43 -3.05
C GLN A 46 18.74 -12.04 -3.64
N GLU A 47 18.90 -12.23 -4.95
CA GLU A 47 20.18 -11.94 -5.59
C GLU A 47 20.60 -10.49 -5.38
N ILE A 48 19.66 -9.57 -5.48
CA ILE A 48 20.01 -8.15 -5.45
C ILE A 48 19.97 -7.57 -4.04
N ALA A 49 19.16 -8.14 -3.15
CA ALA A 49 18.94 -7.55 -1.84
C ALA A 49 19.05 -8.54 -0.69
N GLY A 50 19.37 -9.80 -0.96
CA GLY A 50 19.26 -10.83 0.07
C GLY A 50 20.06 -10.53 1.32
N CYS A 51 21.26 -9.97 1.16
CA CYS A 51 22.15 -9.76 2.30
C CYS A 51 21.94 -8.41 2.99
N ARG A 52 20.97 -7.62 2.55
CA ARG A 52 20.77 -6.28 3.09
C ARG A 52 19.80 -6.32 4.28
N THR A 53 20.09 -5.52 5.29
CA THR A 53 19.24 -5.43 6.46
C THR A 53 18.01 -4.58 6.16
N VAL A 54 16.82 -5.09 6.48
CA VAL A 54 15.58 -4.35 6.25
C VAL A 54 14.73 -4.41 7.51
N PRO A 55 13.88 -3.40 7.76
CA PRO A 55 12.98 -3.45 8.92
C PRO A 55 11.75 -4.29 8.60
N VAL A 56 11.39 -5.18 9.53
CA VAL A 56 10.29 -6.10 9.35
C VAL A 56 9.33 -5.95 10.52
N GLU A 57 8.03 -5.91 10.21
CA GLU A 57 6.98 -5.80 11.21
C GLU A 57 6.36 -7.17 11.43
N VAL A 58 6.28 -7.60 12.68
CA VAL A 58 5.78 -8.93 13.03
C VAL A 58 4.59 -8.77 13.96
N GLY A 59 3.59 -9.64 13.79
CA GLY A 59 2.41 -9.61 14.62
C GLY A 59 1.66 -10.92 14.54
N SER A 60 0.89 -11.20 15.60
CA SER A 60 0.07 -12.39 15.65
C SER A 60 -1.18 -12.22 14.79
N ARG A 61 -1.76 -13.34 14.39
CA ARG A 61 -2.97 -13.33 13.57
C ARG A 61 -4.21 -13.31 14.46
N ASP A 64 -7.24 -9.80 17.43
CA ASP A 64 -6.72 -8.66 18.20
C ASP A 64 -5.30 -8.95 18.74
N GLU A 65 -4.23 -8.87 17.98
CA GLU A 65 -2.91 -9.01 18.56
C GLU A 65 -2.16 -7.65 18.50
N GLU A 66 -0.90 -7.59 18.05
CA GLU A 66 -0.08 -6.38 18.25
C GLU A 66 1.22 -6.46 17.46
N TRP A 67 1.59 -5.40 16.74
CA TRP A 67 2.71 -5.45 15.80
C TRP A 67 3.97 -4.88 16.43
N SER A 68 5.02 -5.70 16.51
CA SER A 68 6.36 -5.28 16.90
C SER A 68 7.25 -5.17 15.65
N GLN A 69 8.40 -4.54 15.82
CA GLN A 69 9.28 -4.24 14.70
C GLN A 69 10.70 -4.72 15.01
N THR A 70 11.30 -5.44 14.05
CA THR A 70 12.65 -5.96 14.22
C THR A 70 13.50 -5.68 12.99
N LEU A 71 14.69 -6.25 12.94
CA LEU A 71 15.61 -6.10 11.81
C LEU A 71 16.13 -7.48 11.41
N MET A 72 16.39 -7.64 10.12
N MET A 72 16.43 -7.62 10.12
CA MET A 72 16.94 -8.88 9.60
CA MET A 72 16.90 -8.89 9.57
C MET A 72 17.27 -8.68 8.13
C MET A 72 17.32 -8.65 8.13
N THR A 73 18.09 -9.60 7.60
CA THR A 73 18.43 -9.55 6.19
C THR A 73 17.25 -9.99 5.35
N VAL A 74 17.22 -9.51 4.10
CA VAL A 74 16.16 -9.91 3.18
C VAL A 74 16.09 -11.43 3.09
N ASN A 75 17.25 -12.09 3.00
CA ASN A 75 17.27 -13.55 2.98
C ASN A 75 16.53 -14.12 4.18
N GLU A 76 16.87 -13.65 5.38
CA GLU A 76 16.18 -14.11 6.58
C GLU A 76 14.67 -13.89 6.46
N PHE A 77 14.26 -12.67 6.10
CA PHE A 77 12.83 -12.36 6.01
C PHE A 77 12.11 -13.36 5.13
N ILE A 78 12.58 -13.53 3.89
CA ILE A 78 11.96 -14.47 2.97
C ILE A 78 11.93 -15.86 3.59
N SER A 79 13.05 -16.28 4.17
N SER A 79 13.05 -16.28 4.17
CA SER A 79 13.17 -17.64 4.68
CA SER A 79 13.17 -17.64 4.68
C SER A 79 12.10 -17.95 5.71
C SER A 79 12.10 -17.95 5.71
N LYS A 80 11.99 -17.11 6.74
CA LYS A 80 11.12 -17.40 7.87
C LYS A 80 9.88 -16.52 7.94
N TYR A 81 9.48 -15.91 6.82
CA TYR A 81 8.19 -15.24 6.77
C TYR A 81 7.47 -15.40 5.45
N ILE A 82 8.05 -16.09 4.46
N ILE A 82 8.06 -16.07 4.46
CA ILE A 82 7.41 -16.24 3.17
CA ILE A 82 7.47 -16.20 3.14
C ILE A 82 7.35 -17.70 2.75
C ILE A 82 7.35 -17.68 2.77
N VAL A 83 8.49 -18.39 2.79
CA VAL A 83 8.55 -19.74 2.26
C VAL A 83 8.25 -20.79 3.33
N ASN A 84 8.97 -20.76 4.45
CA ASN A 84 8.98 -21.90 5.37
C ASN A 84 7.78 -21.82 6.33
N GLU A 85 6.60 -22.14 5.77
CA GLU A 85 5.33 -22.17 6.49
C GLU A 85 5.36 -21.23 7.68
N PRO A 86 5.37 -19.93 7.44
CA PRO A 86 5.68 -18.97 8.52
C PRO A 86 4.83 -19.21 9.76
N ARG A 87 5.47 -19.07 10.92
CA ARG A 87 4.79 -19.21 12.20
C ARG A 87 4.01 -17.96 12.56
N ASP A 88 4.52 -16.78 12.21
CA ASP A 88 3.84 -15.52 12.42
C ASP A 88 3.88 -14.72 11.12
N VAL A 89 3.19 -13.58 11.13
CA VAL A 89 3.13 -12.72 9.96
C VAL A 89 4.26 -11.71 10.02
N GLY A 90 5.08 -11.66 8.97
CA GLY A 90 6.17 -10.71 8.87
C GLY A 90 6.02 -9.88 7.60
N TYR A 91 6.25 -8.58 7.73
CA TYR A 91 6.02 -7.64 6.65
C TYR A 91 7.22 -6.71 6.50
N LEU A 92 7.85 -6.73 5.33
CA LEU A 92 8.85 -5.74 4.97
C LEU A 92 8.08 -4.51 4.47
N ALA A 93 7.58 -3.73 5.43
CA ALA A 93 6.60 -2.70 5.16
C ALA A 93 7.20 -1.30 5.30
N GLN A 94 6.62 -0.37 4.54
CA GLN A 94 6.92 1.06 4.65
C GLN A 94 8.41 1.31 4.76
N HIS A 95 9.17 0.68 3.88
CA HIS A 95 10.62 0.84 3.85
C HIS A 95 11.04 1.45 2.53
N GLN A 96 11.94 2.43 2.59
CA GLN A 96 12.49 3.06 1.40
C GLN A 96 13.61 2.17 0.84
N LEU A 97 13.21 0.97 0.44
CA LEU A 97 14.16 -0.01 -0.07
C LEU A 97 15.00 0.53 -1.21
N PHE A 98 14.45 1.45 -2.00
CA PHE A 98 15.10 1.90 -3.22
C PHE A 98 16.14 2.98 -2.98
N ASP A 99 16.02 3.73 -1.88
N ASP A 99 16.04 3.73 -1.89
CA ASP A 99 17.15 4.56 -1.45
CA ASP A 99 17.15 4.56 -1.46
C ASP A 99 18.28 3.70 -0.91
C ASP A 99 18.28 3.70 -0.91
N GLN A 100 17.94 2.61 -0.21
CA GLN A 100 18.95 1.70 0.31
C GLN A 100 19.58 0.89 -0.79
N ILE A 101 18.82 0.56 -1.84
CA ILE A 101 19.29 -0.32 -2.90
C ILE A 101 19.02 0.35 -4.24
N PRO A 102 19.91 1.23 -4.70
CA PRO A 102 19.63 1.94 -5.97
C PRO A 102 19.46 1.00 -7.16
N GLU A 103 20.15 -0.14 -7.17
CA GLU A 103 20.02 -1.07 -8.29
C GLU A 103 18.58 -1.49 -8.49
N LEU A 104 17.74 -1.43 -7.46
CA LEU A 104 16.32 -1.72 -7.61
C LEU A 104 15.54 -0.50 -8.11
N LYS A 105 16.07 0.71 -7.92
CA LYS A 105 15.38 1.89 -8.41
C LYS A 105 15.38 1.96 -9.94
N GLN A 106 16.29 1.24 -10.60
CA GLN A 106 16.27 1.18 -12.04
C GLN A 106 15.05 0.44 -12.57
N ASP A 107 14.46 -0.45 -11.77
CA ASP A 107 13.35 -1.27 -12.20
C ASP A 107 11.99 -0.59 -12.04
N ILE A 108 11.97 0.66 -11.61
CA ILE A 108 10.73 1.42 -11.46
C ILE A 108 10.94 2.82 -12.01
N SER A 109 9.86 3.61 -11.98
N SER A 109 9.87 3.62 -11.95
CA SER A 109 9.90 5.02 -12.35
CA SER A 109 9.94 5.03 -12.33
C SER A 109 8.98 5.77 -11.41
C SER A 109 8.84 5.78 -11.59
N ILE A 110 8.97 7.10 -11.55
CA ILE A 110 8.03 7.95 -10.84
C ILE A 110 6.88 8.27 -11.80
N PRO A 111 5.64 7.92 -11.46
CA PRO A 111 4.54 8.20 -12.38
C PRO A 111 4.52 9.66 -12.78
N ASP A 112 4.35 9.90 -14.09
CA ASP A 112 4.34 11.28 -14.60
C ASP A 112 3.25 12.11 -13.92
N TYR A 113 2.19 11.46 -13.45
CA TYR A 113 1.09 12.18 -12.81
C TYR A 113 1.55 12.90 -11.56
N CYS A 114 2.67 12.51 -10.97
CA CYS A 114 3.14 13.17 -9.76
C CYS A 114 3.53 14.62 -10.02
N SER A 115 4.00 14.93 -11.23
CA SER A 115 4.41 16.30 -11.53
C SER A 115 3.25 17.28 -11.37
N LEU A 116 2.02 16.79 -11.29
CA LEU A 116 0.86 17.66 -11.05
C LEU A 116 0.80 18.14 -9.61
N GLY A 117 1.71 17.68 -8.74
CA GLY A 117 1.71 18.11 -7.37
C GLY A 117 2.58 19.33 -7.12
N ASP A 118 2.41 19.92 -5.95
CA ASP A 118 3.10 21.14 -5.58
C ASP A 118 4.41 20.89 -4.85
N GLY A 119 4.85 19.63 -4.75
CA GLY A 119 6.10 19.28 -4.12
C GLY A 119 7.22 19.07 -5.13
N GLU A 120 8.38 18.70 -4.61
CA GLU A 120 9.55 18.40 -5.42
C GLU A 120 9.68 16.90 -5.62
N GLU A 121 10.19 16.50 -6.79
CA GLU A 121 10.41 15.09 -7.05
C GLU A 121 11.36 14.47 -6.05
N GLU A 122 12.32 15.26 -5.54
CA GLU A 122 13.27 14.75 -4.57
C GLU A 122 12.61 14.45 -3.23
N GLU A 123 11.43 15.00 -2.98
CA GLU A 123 10.71 14.80 -1.73
C GLU A 123 9.65 13.71 -1.82
N ILE A 124 9.55 13.02 -2.95
CA ILE A 124 8.62 11.90 -3.07
C ILE A 124 9.17 10.72 -2.29
N THR A 125 8.36 10.16 -1.40
CA THR A 125 8.75 9.01 -0.60
C THR A 125 8.31 7.74 -1.30
N ILE A 126 9.28 6.90 -1.67
CA ILE A 126 9.01 5.62 -2.32
C ILE A 126 9.24 4.52 -1.30
N ASN A 127 8.19 3.77 -0.98
CA ASN A 127 8.26 2.71 0.01
C ASN A 127 8.00 1.35 -0.64
N ALA A 128 8.70 0.34 -0.16
CA ALA A 128 8.48 -1.04 -0.58
C ALA A 128 7.58 -1.72 0.44
N TRP A 129 6.59 -2.47 -0.05
CA TRP A 129 5.68 -3.27 0.77
C TRP A 129 5.83 -4.69 0.26
N PHE A 130 6.74 -5.46 0.87
CA PHE A 130 7.04 -6.82 0.47
C PHE A 130 6.68 -7.74 1.64
N GLY A 131 5.70 -8.62 1.41
CA GLY A 131 5.22 -9.47 2.47
C GLY A 131 4.37 -10.62 1.96
N PRO A 132 4.00 -11.52 2.86
CA PRO A 132 3.27 -12.72 2.45
C PRO A 132 1.77 -12.46 2.32
N GLN A 133 1.07 -13.49 1.83
CA GLN A 133 -0.37 -13.52 1.91
C GLN A 133 -0.82 -13.33 3.35
N GLY A 134 -1.72 -12.38 3.57
CA GLY A 134 -2.35 -12.19 4.85
C GLY A 134 -1.99 -10.90 5.56
N THR A 135 -1.07 -10.10 5.03
CA THR A 135 -0.73 -8.84 5.67
C THR A 135 -1.95 -7.92 5.60
N ILE A 136 -2.29 -7.30 6.73
CA ILE A 136 -3.47 -6.44 6.82
C ILE A 136 -3.05 -5.12 7.44
N SER A 137 -3.30 -4.02 6.73
CA SER A 137 -3.20 -2.71 7.33
C SER A 137 -4.44 -2.41 8.18
N PRO A 138 -4.32 -1.55 9.17
CA PRO A 138 -5.52 -0.95 9.75
C PRO A 138 -6.09 0.07 8.77
N LEU A 139 -7.37 0.37 8.94
CA LEU A 139 -7.98 1.43 8.16
C LEU A 139 -7.37 2.76 8.60
N HIS A 140 -6.73 3.45 7.67
CA HIS A 140 -5.96 4.64 8.03
C HIS A 140 -5.90 5.59 6.84
N GLN A 141 -5.45 6.81 7.12
CA GLN A 141 -5.33 7.87 6.13
C GLN A 141 -3.97 8.53 6.25
N ASP A 142 -3.34 8.81 5.10
CA ASP A 142 -2.01 9.40 5.05
C ASP A 142 -2.10 10.88 4.70
N PRO A 143 -1.05 11.65 4.98
CA PRO A 143 -1.09 13.10 4.75
C PRO A 143 -0.65 13.53 3.36
N GLN A 144 -0.44 12.60 2.43
CA GLN A 144 -0.01 12.94 1.09
C GLN A 144 -0.80 12.13 0.06
N GLN A 145 -0.73 12.58 -1.20
CA GLN A 145 -1.21 11.78 -2.31
C GLN A 145 -0.43 10.46 -2.34
N ASN A 146 -1.01 9.46 -3.00
CA ASN A 146 -0.37 8.15 -3.05
C ASN A 146 -0.72 7.42 -4.32
N PHE A 147 0.31 6.92 -5.01
CA PHE A 147 0.16 5.95 -6.09
C PHE A 147 0.69 4.61 -5.58
N LEU A 148 -0.22 3.67 -5.32
CA LEU A 148 0.15 2.34 -4.86
C LEU A 148 0.29 1.43 -6.06
N VAL A 149 1.52 1.09 -6.43
CA VAL A 149 1.79 0.26 -7.59
C VAL A 149 1.92 -1.19 -7.13
N GLN A 150 1.09 -2.06 -7.71
CA GLN A 150 1.15 -3.48 -7.43
C GLN A 150 2.07 -4.15 -8.43
N VAL A 151 3.07 -4.88 -7.93
CA VAL A 151 4.06 -5.56 -8.75
C VAL A 151 3.87 -7.06 -8.73
N MET A 152 3.76 -7.64 -7.53
N MET A 152 3.72 -7.64 -7.53
CA MET A 152 3.58 -9.08 -7.36
CA MET A 152 3.59 -9.07 -7.34
C MET A 152 2.31 -9.33 -6.56
C MET A 152 2.33 -9.35 -6.53
N GLY A 153 1.62 -10.41 -6.90
CA GLY A 153 0.40 -10.79 -6.21
C GLY A 153 -0.68 -9.72 -6.25
N ARG A 154 -1.79 -9.99 -5.57
CA ARG A 154 -2.93 -9.10 -5.53
C ARG A 154 -3.14 -8.59 -4.11
N LYS A 155 -3.91 -7.50 -4.02
CA LYS A 155 -4.28 -6.93 -2.73
C LYS A 155 -5.72 -6.45 -2.75
N TYR A 156 -6.50 -6.90 -1.77
N TYR A 156 -6.51 -6.93 -1.79
CA TYR A 156 -7.84 -6.36 -1.56
CA TYR A 156 -7.83 -6.35 -1.57
C TYR A 156 -7.71 -5.04 -0.79
C TYR A 156 -7.67 -5.03 -0.83
N ILE A 157 -8.34 -3.99 -1.31
CA ILE A 157 -8.22 -2.66 -0.74
C ILE A 157 -9.60 -2.05 -0.61
N ARG A 158 -9.89 -1.48 0.56
N ARG A 158 -9.90 -1.48 0.55
CA ARG A 158 -11.12 -0.73 0.81
CA ARG A 158 -11.14 -0.74 0.77
C ARG A 158 -10.78 0.74 1.00
C ARG A 158 -10.81 0.72 1.01
N LEU A 159 -11.64 1.61 0.48
CA LEU A 159 -11.40 3.05 0.53
C LEU A 159 -12.64 3.75 1.04
N TYR A 160 -12.48 4.52 2.11
CA TYR A 160 -13.52 5.40 2.64
C TYR A 160 -13.09 6.86 2.48
N SER A 161 -14.02 7.69 2.01
N SER A 161 -14.01 7.70 2.02
CA SER A 161 -13.72 9.11 1.80
CA SER A 161 -13.68 9.09 1.78
C SER A 161 -13.47 9.80 3.14
C SER A 161 -13.52 9.83 3.11
N PRO A 162 -12.70 10.88 3.14
CA PRO A 162 -12.53 11.66 4.39
C PRO A 162 -13.85 12.17 4.94
N GLN A 163 -14.86 12.34 4.09
CA GLN A 163 -16.18 12.75 4.57
C GLN A 163 -16.79 11.74 5.52
N GLU A 164 -16.32 10.50 5.48
CA GLU A 164 -16.87 9.43 6.29
C GLU A 164 -16.09 9.21 7.59
N SER A 165 -15.23 10.15 7.97
CA SER A 165 -14.39 9.96 9.15
C SER A 165 -15.23 9.66 10.37
N GLY A 166 -16.40 10.29 10.50
CA GLY A 166 -17.21 10.08 11.68
C GLY A 166 -17.61 8.64 11.87
N ALA A 167 -17.95 7.96 10.78
CA ALA A 167 -18.41 6.58 10.84
C ALA A 167 -17.26 5.57 10.95
N LEU A 168 -16.02 6.03 11.05
CA LEU A 168 -14.87 5.15 11.16
C LEU A 168 -14.24 5.16 12.54
N TYR A 169 -14.73 6.00 13.45
CA TYR A 169 -14.27 6.02 14.82
C TYR A 169 -12.75 6.05 14.91
N PRO A 170 -12.11 7.16 14.54
CA PRO A 170 -10.66 7.26 14.69
C PRO A 170 -10.24 7.21 16.16
N HIS A 171 -9.03 6.70 16.39
CA HIS A 171 -8.48 6.74 17.74
C HIS A 171 -8.36 8.18 18.22
N ASP A 172 -8.46 8.36 19.53
CA ASP A 172 -8.42 9.70 20.11
C ASP A 172 -7.03 10.09 20.58
N THR A 173 -6.09 9.15 20.67
CA THR A 173 -4.70 9.50 20.88
C THR A 173 -4.16 10.18 19.63
N HIS A 174 -3.50 11.33 19.81
CA HIS A 174 -3.00 12.07 18.65
C HIS A 174 -2.14 11.18 17.76
N LEU A 175 -1.37 10.28 18.37
CA LEU A 175 -0.49 9.41 17.60
C LEU A 175 -1.26 8.45 16.70
N LEU A 176 -2.53 8.19 17.00
CA LEU A 176 -3.34 7.26 16.22
C LEU A 176 -4.59 7.90 15.63
N HIS A 177 -4.70 9.23 15.70
CA HIS A 177 -5.91 9.89 15.19
C HIS A 177 -6.11 9.64 13.70
N ASN A 178 -5.09 9.17 12.99
CA ASN A 178 -5.20 8.84 11.58
C ASN A 178 -5.55 7.38 11.34
N THR A 179 -5.88 6.63 12.39
CA THR A 179 -6.15 5.21 12.31
C THR A 179 -7.53 4.91 12.87
N SER A 180 -8.23 3.97 12.24
CA SER A 180 -9.58 3.62 12.63
C SER A 180 -9.57 2.49 13.67
N GLN A 181 -10.45 2.59 14.65
CA GLN A 181 -10.61 1.55 15.65
C GLN A 181 -11.29 0.30 15.09
N VAL A 182 -11.82 0.35 13.88
CA VAL A 182 -12.73 -0.65 13.37
C VAL A 182 -11.97 -1.68 12.55
N ASP A 183 -12.22 -2.96 12.83
N ASP A 183 -12.22 -2.96 12.83
CA ASP A 183 -11.73 -4.05 11.98
CA ASP A 183 -11.71 -4.04 11.97
C ASP A 183 -12.62 -4.09 10.75
C ASP A 183 -12.61 -4.12 10.74
N VAL A 184 -12.08 -3.65 9.60
CA VAL A 184 -12.89 -3.46 8.42
C VAL A 184 -13.66 -4.73 8.06
N GLU A 185 -12.94 -5.84 7.94
CA GLU A 185 -13.55 -7.07 7.45
C GLU A 185 -14.20 -7.91 8.55
N ASN A 186 -14.41 -7.34 9.72
CA ASN A 186 -15.17 -7.99 10.78
C ASN A 186 -15.56 -6.93 11.81
N PRO A 187 -16.33 -5.92 11.41
CA PRO A 187 -16.55 -4.77 12.31
C PRO A 187 -17.40 -5.11 13.51
N ASP A 188 -17.03 -4.56 14.66
CA ASP A 188 -17.85 -4.61 15.87
C ASP A 188 -18.92 -3.55 15.71
N LEU A 189 -20.11 -3.97 15.25
CA LEU A 189 -21.18 -3.02 14.99
C LEU A 189 -21.94 -2.64 16.26
N GLU A 190 -21.82 -3.44 17.33
N GLU A 190 -21.83 -3.43 17.34
CA GLU A 190 -22.40 -3.04 18.61
CA GLU A 190 -22.41 -3.03 18.61
C GLU A 190 -21.66 -1.86 19.21
C GLU A 190 -21.67 -1.83 19.18
N LYS A 191 -20.35 -1.78 19.00
CA LYS A 191 -19.56 -0.64 19.45
C LYS A 191 -19.38 0.41 18.38
N PHE A 192 -19.39 0.03 17.11
CA PHE A 192 -19.17 0.93 15.99
C PHE A 192 -20.33 0.79 15.01
N PRO A 193 -21.53 1.18 15.41
CA PRO A 193 -22.70 0.98 14.53
C PRO A 193 -22.65 1.83 13.27
N LYS A 194 -22.16 3.06 13.36
CA LYS A 194 -22.14 3.93 12.19
C LYS A 194 -21.27 3.38 11.06
N PHE A 195 -20.40 2.42 11.36
CA PHE A 195 -19.52 1.88 10.32
C PHE A 195 -20.29 1.09 9.28
N ALA A 196 -21.39 0.45 9.68
CA ALA A 196 -22.10 -0.44 8.78
C ALA A 196 -22.64 0.32 7.57
N LYS A 197 -23.17 1.51 7.79
CA LYS A 197 -23.82 2.28 6.74
C LYS A 197 -22.90 3.34 6.12
N ALA A 198 -21.59 3.20 6.27
CA ALA A 198 -20.66 4.10 5.63
C ALA A 198 -20.34 3.56 4.23
N PRO A 199 -20.60 4.32 3.16
CA PRO A 199 -20.27 3.82 1.83
C PRO A 199 -18.76 3.78 1.62
N PHE A 200 -18.33 3.01 0.62
CA PHE A 200 -16.91 2.84 0.37
C PHE A 200 -16.68 2.38 -1.06
N LEU A 201 -15.43 2.43 -1.47
CA LEU A 201 -14.95 1.85 -2.70
C LEU A 201 -14.06 0.66 -2.37
N SER A 202 -14.04 -0.32 -3.27
CA SER A 202 -13.23 -1.52 -3.06
C SER A 202 -12.64 -1.94 -4.41
N CYS A 203 -11.63 -2.79 -4.34
CA CYS A 203 -10.98 -3.29 -5.54
C CYS A 203 -10.00 -4.38 -5.12
N ILE A 204 -9.63 -5.21 -6.09
CA ILE A 204 -8.51 -6.14 -5.97
C ILE A 204 -7.44 -5.61 -6.89
N LEU A 205 -6.39 -5.03 -6.30
CA LEU A 205 -5.30 -4.45 -7.07
C LEU A 205 -4.38 -5.57 -7.53
N SER A 206 -4.25 -5.74 -8.84
N SER A 206 -4.26 -5.74 -8.84
CA SER A 206 -3.46 -6.80 -9.42
CA SER A 206 -3.48 -6.80 -9.45
C SER A 206 -2.20 -6.26 -10.07
C SER A 206 -2.18 -6.25 -10.04
N PRO A 207 -1.22 -7.12 -10.36
CA PRO A 207 0.05 -6.65 -10.91
C PRO A 207 -0.14 -5.78 -12.14
N GLY A 208 0.76 -4.81 -12.30
CA GLY A 208 0.69 -3.85 -13.38
C GLY A 208 -0.19 -2.66 -13.11
N GLU A 209 -1.00 -2.69 -12.07
CA GLU A 209 -1.98 -1.64 -11.82
C GLU A 209 -1.49 -0.67 -10.75
N ILE A 210 -2.01 0.55 -10.80
CA ILE A 210 -1.68 1.61 -9.85
C ILE A 210 -2.98 2.12 -9.25
N LEU A 211 -3.06 2.11 -7.94
CA LEU A 211 -4.19 2.69 -7.23
C LEU A 211 -3.82 4.09 -6.78
N PHE A 212 -4.60 5.08 -7.18
CA PHE A 212 -4.45 6.44 -6.70
C PHE A 212 -5.28 6.59 -5.43
N ILE A 213 -4.61 6.66 -4.27
CA ILE A 213 -5.27 6.92 -3.00
C ILE A 213 -5.18 8.42 -2.73
N PRO A 214 -6.28 9.19 -2.90
CA PRO A 214 -6.20 10.63 -2.64
C PRO A 214 -5.65 10.94 -1.25
N VAL A 215 -5.10 12.13 -1.08
CA VAL A 215 -4.57 12.51 0.23
C VAL A 215 -5.67 12.42 1.26
N LYS A 216 -5.37 11.79 2.39
N LYS A 216 -5.36 11.80 2.40
CA LYS A 216 -6.25 11.62 3.55
CA LYS A 216 -6.26 11.63 3.55
C LYS A 216 -7.42 10.68 3.27
C LYS A 216 -7.39 10.64 3.28
N TYR A 217 -7.43 10.00 2.12
CA TYR A 217 -8.43 8.98 1.87
C TYR A 217 -8.13 7.77 2.75
N TRP A 218 -9.12 7.34 3.54
CA TRP A 218 -8.94 6.16 4.37
C TRP A 218 -8.78 4.95 3.47
N HIS A 219 -7.71 4.17 3.69
CA HIS A 219 -7.49 2.96 2.91
C HIS A 219 -7.15 1.79 3.82
N TYR A 220 -7.75 0.64 3.52
CA TYR A 220 -7.51 -0.62 4.20
C TYR A 220 -6.98 -1.61 3.18
N VAL A 221 -5.86 -2.27 3.49
CA VAL A 221 -5.15 -3.09 2.51
C VAL A 221 -4.93 -4.48 3.10
N ARG A 222 -5.26 -5.51 2.33
CA ARG A 222 -4.99 -6.89 2.70
C ARG A 222 -4.41 -7.64 1.51
N ALA A 223 -3.30 -8.32 1.73
CA ALA A 223 -2.66 -9.10 0.66
C ALA A 223 -3.34 -10.45 0.51
N LEU A 224 -3.74 -10.76 -0.72
CA LEU A 224 -4.38 -12.05 -1.01
C LEU A 224 -3.35 -13.11 -1.38
N ASP A 225 -2.22 -12.70 -1.93
CA ASP A 225 -1.14 -13.60 -2.28
C ASP A 225 0.17 -12.99 -1.81
N LEU A 226 1.26 -13.74 -1.99
CA LEU A 226 2.59 -13.15 -1.89
C LEU A 226 2.63 -11.86 -2.69
N SER A 227 2.88 -10.75 -2.00
CA SER A 227 2.67 -9.43 -2.58
C SER A 227 3.89 -8.55 -2.42
N PHE A 228 4.21 -7.82 -3.49
CA PHE A 228 5.20 -6.76 -3.48
C PHE A 228 4.57 -5.52 -4.08
N SER A 229 4.44 -4.47 -3.26
CA SER A 229 3.88 -3.20 -3.71
C SER A 229 4.91 -2.09 -3.52
N VAL A 230 4.81 -1.06 -4.36
CA VAL A 230 5.66 0.12 -4.26
C VAL A 230 4.74 1.33 -4.18
N SER A 231 4.79 2.06 -3.08
N SER A 231 4.79 2.04 -3.07
CA SER A 231 3.95 3.23 -2.87
CA SER A 231 3.98 3.24 -2.85
C SER A 231 4.75 4.50 -3.12
C SER A 231 4.78 4.49 -3.20
N PHE A 232 4.09 5.49 -3.72
CA PHE A 232 4.68 6.79 -4.00
C PHE A 232 3.89 7.85 -3.23
N TRP A 233 4.46 8.36 -2.15
CA TRP A 233 3.82 9.43 -1.38
C TRP A 233 4.32 10.77 -1.90
N TRP A 234 3.39 11.59 -2.40
CA TRP A 234 3.77 12.83 -3.08
C TRP A 234 2.71 13.89 -2.81
N SER A 235 3.10 15.14 -2.95
N SER A 235 3.10 15.14 -2.98
CA SER A 235 2.20 16.27 -2.70
CA SER A 235 2.17 16.26 -2.85
C SER A 235 2.19 17.21 -3.89
C SER A 235 2.46 17.31 -3.92
MN MN B . -1.13 4.19 3.98
C10 HRR C . -0.16 -0.21 4.23
C13 HRR C . 0.69 -2.00 7.56
C15 HRR C . 0.66 -4.35 8.12
C17 HRR C . 1.85 -2.78 9.52
C20 HRR C . 3.08 0.45 8.31
C21 HRR C . 3.09 0.28 9.84
C22 HRR C . -0.35 1.12 4.60
C2 HRR C . -0.10 3.02 1.46
C4 HRR C . -0.13 1.84 2.43
C5 HRR C . 0.09 0.54 1.99
C6 HRR C . 0.06 -0.52 2.89
C7 HRR C . 0.29 -1.97 2.42
C12 HRR C . 0.26 -0.82 6.64
C14 HRR C . 0.27 -3.30 7.27
C16 HRR C . 1.44 -4.09 9.24
C18 HRR C . 1.47 -1.75 8.69
C19 HRR C . 1.94 -0.30 9.01
N11 HRR C . -0.18 -1.24 5.29
N23 HRR C . -0.33 2.10 3.71
O1 HRR C . 0.38 2.87 0.30
O3 HRR C . -0.54 4.15 1.81
O8 HRR C . 0.49 -2.22 1.20
O9 HRR C . 0.28 -2.93 3.25
H151 HRR C . 0.34 -5.36 7.90
H171 HRR C . 2.47 -2.59 10.40
H201 HRR C . 3.79 -0.18 7.77
H202 HRR C . 2.83 1.45 7.96
H212 HRR C . 3.81 -0.45 10.22
H211 HRR C . 2.85 1.17 10.41
H221 HRR C . -0.52 1.36 5.65
H051 HRR C . 0.25 0.35 0.93
H122 HRR C . 1.11 -0.16 6.52
H121 HRR C . -0.56 -0.29 7.12
H141 HRR C . -0.34 -3.51 6.40
H161 HRR C . 1.75 -4.90 9.89
H191 HRR C . 1.07 0.35 9.10
H111 HRR C . -0.49 -2.18 5.10
#